data_8AID
#
_entry.id   8AID
#
_cell.length_a   155.492
_cell.length_b   155.492
_cell.length_c   59.516
_cell.angle_alpha   90.000
_cell.angle_beta   90.000
_cell.angle_gamma   120.000
#
_symmetry.space_group_name_H-M   'P 32 2 1'
#
loop_
_entity.id
_entity.type
_entity.pdbx_description
1 polymer PA4183
2 non-polymer '2-[N-CYCLOHEXYLAMINO]ETHANE SULFONIC ACID'
3 water water
#
_entity_poly.entity_id   1
_entity_poly.type   'polypeptide(L)'
_entity_poly.pdbx_seq_one_letter_code
;GHMSQPFLWRRVNDSSGFAEPRVFIRVYLEPGSIDAAIAFYEDLQGVAHDMRFDFPEKRLTLAAVGAFLLLEGSDEALAP
FRSTTGTLLVDDIEPYHRRLLAAGAQIIFGPARAPTGACFNALLPDGTVVEFVHHRPQPGEA
;
_entity_poly.pdbx_strand_id   A,B,C,D
#
loop_
_chem_comp.id
_chem_comp.type
_chem_comp.name
_chem_comp.formula
NHE non-polymer '2-[N-CYCLOHEXYLAMINO]ETHANE SULFONIC ACID' 'C8 H17 N O3 S'
#
# COMPACT_ATOMS: atom_id res chain seq x y z
N GLY A 1 -36.78 8.63 -14.41
CA GLY A 1 -36.28 9.51 -15.50
C GLY A 1 -36.09 8.77 -16.79
N HIS A 2 -35.69 9.50 -17.84
CA HIS A 2 -35.46 8.88 -19.13
C HIS A 2 -34.11 8.21 -19.22
N MET A 3 -33.21 8.49 -18.28
CA MET A 3 -31.87 7.92 -18.25
C MET A 3 -31.83 6.88 -17.13
N SER A 4 -30.88 5.96 -17.24
CA SER A 4 -30.76 4.90 -16.25
C SER A 4 -30.35 5.46 -14.88
N GLN A 5 -30.68 4.70 -13.84
CA GLN A 5 -30.33 5.07 -12.48
C GLN A 5 -28.83 4.94 -12.24
N PRO A 6 -28.28 5.73 -11.31
CA PRO A 6 -26.87 5.53 -10.93
C PRO A 6 -26.64 4.14 -10.36
N PHE A 7 -25.39 3.68 -10.50
CA PHE A 7 -24.89 2.53 -9.77
C PHE A 7 -23.74 3.00 -8.89
N LEU A 8 -23.74 2.60 -7.62
CA LEU A 8 -22.70 3.07 -6.69
C LEU A 8 -22.26 1.94 -5.78
N TRP A 9 -20.96 1.66 -5.78
CA TRP A 9 -20.33 0.81 -4.79
C TRP A 9 -19.18 1.57 -4.16
N ARG A 10 -19.06 1.50 -2.83
CA ARG A 10 -17.91 2.10 -2.18
C ARG A 10 -17.64 1.39 -0.84
N ARG A 11 -16.38 1.39 -0.44
CA ARG A 11 -16.01 0.73 0.80
CA ARG A 11 -16.01 0.73 0.80
C ARG A 11 -16.47 1.50 2.03
N VAL A 12 -16.45 2.84 1.95
CA VAL A 12 -16.83 3.73 3.05
C VAL A 12 -17.90 4.67 2.51
N ASN A 13 -19.08 4.69 3.13
CA ASN A 13 -20.18 5.47 2.57
C ASN A 13 -20.52 6.75 3.33
N ASP A 14 -19.78 7.08 4.39
CA ASP A 14 -20.11 8.26 5.20
C ASP A 14 -18.80 8.93 5.58
N SER A 15 -18.63 10.17 5.18
CA SER A 15 -17.44 10.94 5.51
C SER A 15 -17.62 11.81 6.76
N SER A 16 -18.77 11.72 7.43
CA SER A 16 -19.09 12.61 8.55
C SER A 16 -18.00 12.64 9.61
N GLY A 17 -17.34 11.52 9.83
CA GLY A 17 -16.37 11.36 10.89
C GLY A 17 -14.93 11.57 10.48
N PHE A 18 -14.70 12.00 9.22
N PHE A 18 -14.68 11.94 9.24
CA PHE A 18 -13.34 12.22 8.71
CA PHE A 18 -13.31 12.09 8.77
C PHE A 18 -12.64 13.31 9.52
C PHE A 18 -13.09 13.59 8.70
N ALA A 19 -11.41 13.02 9.96
N ALA A 19 -12.51 14.13 9.78
CA ALA A 19 -10.64 13.99 10.71
CA ALA A 19 -12.25 15.56 9.87
C ALA A 19 -9.94 15.00 9.80
C ALA A 19 -11.04 15.99 9.07
N GLU A 20 -9.57 14.57 8.61
N GLU A 20 -10.22 15.05 8.62
CA GLU A 20 -8.89 15.40 7.63
CA GLU A 20 -9.10 15.34 7.72
C GLU A 20 -9.50 15.08 6.28
C GLU A 20 -9.53 15.06 6.28
N PRO A 21 -9.49 16.03 5.36
CA PRO A 21 -9.96 15.72 4.01
C PRO A 21 -9.14 14.62 3.36
N ARG A 22 -9.80 13.84 2.51
CA ARG A 22 -9.12 12.95 1.59
C ARG A 22 -8.95 13.70 0.28
N VAL A 23 -7.74 13.68 -0.26
CA VAL A 23 -7.35 14.51 -1.41
C VAL A 23 -7.27 13.63 -2.64
N PHE A 24 -7.90 14.07 -3.74
CA PHE A 24 -7.88 13.36 -5.03
C PHE A 24 -7.34 14.25 -6.14
N ILE A 25 -6.45 13.71 -6.93
CA ILE A 25 -6.04 14.29 -8.20
C ILE A 25 -6.99 13.80 -9.28
N ARG A 26 -7.59 14.73 -10.04
CA ARG A 26 -8.51 14.34 -11.10
C ARG A 26 -7.79 13.75 -12.32
N VAL A 27 -8.39 12.70 -12.87
CA VAL A 27 -7.94 12.01 -14.06
C VAL A 27 -9.11 11.96 -15.04
N TYR A 28 -8.87 12.37 -16.29
CA TYR A 28 -9.91 12.40 -17.32
C TYR A 28 -9.67 11.33 -18.38
N LEU A 29 -10.72 10.57 -18.65
CA LEU A 29 -10.62 9.37 -19.48
C LEU A 29 -11.61 9.42 -20.63
N GLU A 30 -11.24 8.80 -21.74
CA GLU A 30 -12.11 8.70 -22.90
C GLU A 30 -13.08 7.52 -22.76
N PRO A 31 -14.19 7.54 -23.49
CA PRO A 31 -15.13 6.41 -23.44
C PRO A 31 -14.44 5.09 -23.74
N GLY A 32 -14.88 4.06 -23.03
CA GLY A 32 -14.38 2.71 -23.21
C GLY A 32 -13.13 2.36 -22.41
N SER A 33 -12.64 3.28 -21.58
CA SER A 33 -11.33 3.08 -20.97
C SER A 33 -11.33 2.89 -19.46
N ILE A 34 -12.46 2.98 -18.76
CA ILE A 34 -12.33 3.11 -17.32
CA ILE A 34 -12.43 3.08 -17.30
C ILE A 34 -11.86 1.80 -16.66
N ASP A 35 -12.25 0.63 -17.16
CA ASP A 35 -11.83 -0.59 -16.46
C ASP A 35 -10.33 -0.80 -16.54
N ALA A 36 -9.73 -0.59 -17.72
CA ALA A 36 -8.29 -0.67 -17.84
C ALA A 36 -7.60 0.45 -17.09
N ALA A 37 -8.21 1.63 -17.01
CA ALA A 37 -7.62 2.71 -16.23
C ALA A 37 -7.62 2.40 -14.74
N ILE A 38 -8.72 1.85 -14.22
CA ILE A 38 -8.73 1.44 -12.81
C ILE A 38 -7.59 0.46 -12.55
N ALA A 39 -7.43 -0.52 -13.45
CA ALA A 39 -6.36 -1.51 -13.26
C ALA A 39 -4.99 -0.85 -13.29
N PHE A 40 -4.79 0.10 -14.21
CA PHE A 40 -3.53 0.82 -14.29
C PHE A 40 -3.23 1.55 -12.97
N TYR A 41 -4.20 2.29 -12.44
CA TYR A 41 -3.97 3.06 -11.23
C TYR A 41 -3.87 2.15 -10.01
N GLU A 42 -4.58 1.01 -10.00
CA GLU A 42 -4.41 0.05 -8.92
C GLU A 42 -2.98 -0.48 -8.89
N ASP A 43 -2.47 -0.84 -10.06
CA ASP A 43 -1.16 -1.49 -10.11
C ASP A 43 -0.04 -0.49 -9.94
N LEU A 44 -0.24 0.75 -10.39
CA LEU A 44 0.75 1.78 -10.14
C LEU A 44 0.97 1.99 -8.66
N GLN A 45 -0.12 1.99 -7.90
CA GLN A 45 -0.07 2.39 -6.51
C GLN A 45 -0.07 1.24 -5.54
N GLY A 46 -0.40 0.03 -6.00
CA GLY A 46 -0.56 -1.07 -5.07
C GLY A 46 -1.78 -0.95 -4.18
N VAL A 47 -2.84 -0.31 -4.64
CA VAL A 47 -4.02 -0.03 -3.85
CA VAL A 47 -4.02 -0.02 -3.84
C VAL A 47 -5.26 -0.38 -4.66
N ALA A 48 -6.17 -1.13 -4.06
CA ALA A 48 -7.44 -1.49 -4.66
C ALA A 48 -8.40 -0.31 -4.71
N HIS A 49 -9.11 -0.16 -5.82
CA HIS A 49 -10.09 0.93 -5.92
C HIS A 49 -11.18 0.77 -4.88
N ASP A 50 -11.66 1.90 -4.35
CA ASP A 50 -12.60 1.90 -3.24
C ASP A 50 -13.94 2.55 -3.55
N MET A 51 -14.17 3.02 -4.79
CA MET A 51 -15.49 3.48 -5.22
C MET A 51 -15.58 3.21 -6.73
N ARG A 52 -16.71 2.67 -7.15
CA ARG A 52 -17.10 2.61 -8.56
C ARG A 52 -18.49 3.27 -8.63
N PHE A 53 -18.63 4.29 -9.47
CA PHE A 53 -19.81 5.16 -9.52
C PHE A 53 -20.18 5.39 -10.98
N ASP A 54 -21.23 4.72 -11.45
CA ASP A 54 -21.75 4.91 -12.81
C ASP A 54 -22.90 5.91 -12.73
N PHE A 55 -22.84 6.96 -13.56
CA PHE A 55 -23.78 8.09 -13.50
C PHE A 55 -24.40 8.32 -14.88
N PRO A 56 -25.34 7.46 -15.29
CA PRO A 56 -25.85 7.56 -16.68
C PRO A 56 -26.49 8.89 -17.00
N GLU A 57 -27.13 9.55 -16.03
CA GLU A 57 -27.72 10.87 -16.28
C GLU A 57 -26.71 11.84 -16.89
N LYS A 58 -25.47 11.79 -16.43
CA LYS A 58 -24.42 12.70 -16.86
C LYS A 58 -23.51 12.07 -17.88
N ARG A 59 -23.81 10.83 -18.29
CA ARG A 59 -22.96 10.10 -19.23
CA ARG A 59 -22.96 10.10 -19.23
C ARG A 59 -21.53 10.02 -18.71
N LEU A 60 -21.40 9.79 -17.40
CA LEU A 60 -20.11 9.71 -16.72
C LEU A 60 -19.99 8.38 -16.00
N THR A 61 -18.76 7.90 -15.90
CA THR A 61 -18.41 6.81 -14.98
C THR A 61 -17.23 7.30 -14.16
N LEU A 62 -17.21 6.98 -12.86
CA LEU A 62 -16.18 7.47 -11.94
C LEU A 62 -15.63 6.35 -11.09
N ALA A 63 -14.38 6.51 -10.66
CA ALA A 63 -13.79 5.57 -9.71
C ALA A 63 -12.76 6.27 -8.84
N ALA A 64 -12.72 5.89 -7.57
CA ALA A 64 -11.68 6.34 -6.65
C ALA A 64 -10.62 5.25 -6.57
N VAL A 65 -9.37 5.60 -6.88
CA VAL A 65 -8.27 4.65 -6.88
C VAL A 65 -7.07 5.29 -6.20
N GLY A 66 -6.90 5.04 -4.91
CA GLY A 66 -5.78 5.65 -4.22
C GLY A 66 -5.89 7.18 -4.23
N ALA A 67 -4.84 7.81 -4.74
CA ALA A 67 -4.74 9.26 -4.82
C ALA A 67 -5.55 9.89 -5.94
N PHE A 68 -6.19 9.10 -6.82
CA PHE A 68 -6.78 9.60 -8.06
C PHE A 68 -8.28 9.37 -8.09
N LEU A 69 -8.99 10.36 -8.63
CA LEU A 69 -10.42 10.27 -8.91
C LEU A 69 -10.57 10.31 -10.42
N LEU A 70 -10.99 9.19 -10.98
CA LEU A 70 -11.13 9.01 -12.43
C LEU A 70 -12.52 9.38 -12.88
N LEU A 71 -12.61 10.17 -13.97
CA LEU A 71 -13.87 10.53 -14.61
C LEU A 71 -13.77 10.13 -16.08
N GLU A 72 -14.67 9.26 -16.53
CA GLU A 72 -14.74 8.81 -17.92
C GLU A 72 -15.98 9.37 -18.61
N GLY A 73 -15.78 9.95 -19.80
CA GLY A 73 -16.91 10.38 -20.61
C GLY A 73 -16.43 11.05 -21.88
N SER A 74 -17.39 11.34 -22.76
CA SER A 74 -17.07 12.12 -23.93
C SER A 74 -16.58 13.51 -23.54
N ASP A 75 -15.96 14.21 -24.50
CA ASP A 75 -15.56 15.59 -24.24
C ASP A 75 -16.76 16.43 -23.82
N GLU A 76 -17.90 16.24 -24.48
CA GLU A 76 -19.10 16.99 -24.13
C GLU A 76 -19.54 16.69 -22.71
N ALA A 77 -19.51 15.42 -22.32
CA ALA A 77 -19.94 15.04 -20.98
C ALA A 77 -18.98 15.57 -19.92
N LEU A 78 -17.68 15.64 -20.24
CA LEU A 78 -16.69 16.10 -19.27
C LEU A 78 -16.60 17.61 -19.22
N ALA A 79 -17.06 18.31 -20.25
CA ALA A 79 -16.77 19.73 -20.40
C ALA A 79 -17.11 20.57 -19.17
N PRO A 80 -18.23 20.38 -18.48
CA PRO A 80 -18.50 21.21 -17.31
C PRO A 80 -17.55 20.97 -16.14
N PHE A 81 -16.87 19.84 -16.13
CA PHE A 81 -16.09 19.39 -14.99
C PHE A 81 -14.59 19.39 -15.25
N ARG A 82 -14.16 19.57 -16.50
CA ARG A 82 -12.78 19.28 -16.89
CA ARG A 82 -12.78 19.22 -16.79
C ARG A 82 -11.78 20.26 -16.31
N SER A 83 -12.19 21.51 -16.07
CA SER A 83 -11.22 22.46 -15.52
C SER A 83 -10.88 22.19 -14.06
N THR A 84 -11.64 21.32 -13.39
CA THR A 84 -11.37 20.99 -12.00
C THR A 84 -10.15 20.09 -11.92
N THR A 85 -9.13 20.48 -11.13
CA THR A 85 -7.95 19.63 -11.11
C THR A 85 -7.86 18.71 -9.89
N GLY A 86 -8.66 18.96 -8.86
CA GLY A 86 -8.63 18.18 -7.65
C GLY A 86 -9.99 18.16 -6.98
N THR A 87 -10.23 17.09 -6.21
CA THR A 87 -11.42 16.93 -5.37
C THR A 87 -10.98 16.71 -3.94
N LEU A 88 -11.62 17.42 -3.00
CA LEU A 88 -11.45 17.15 -1.58
C LEU A 88 -12.70 16.49 -1.02
N LEU A 89 -12.54 15.29 -0.48
CA LEU A 89 -13.62 14.57 0.18
C LEU A 89 -13.54 14.94 1.67
N VAL A 90 -14.55 15.68 2.15
CA VAL A 90 -14.54 16.28 3.47
C VAL A 90 -15.72 15.76 4.29
N ASP A 91 -15.69 16.06 5.59
CA ASP A 91 -16.79 15.63 6.46
C ASP A 91 -18.08 16.36 6.13
N ASP A 92 -18.02 17.67 5.81
CA ASP A 92 -19.20 18.47 5.53
C ASP A 92 -18.81 19.60 4.59
N ILE A 93 -19.45 19.69 3.42
CA ILE A 93 -19.04 20.72 2.48
C ILE A 93 -19.48 22.12 2.88
N GLU A 94 -20.50 22.27 3.76
CA GLU A 94 -21.09 23.60 3.90
C GLU A 94 -20.15 24.65 4.49
N PRO A 95 -19.34 24.30 5.51
CA PRO A 95 -18.38 25.31 6.01
C PRO A 95 -17.38 25.77 4.95
N TYR A 96 -16.95 24.85 4.08
CA TYR A 96 -16.02 25.25 3.02
C TYR A 96 -16.68 26.14 1.99
N HIS A 97 -17.94 25.85 1.65
CA HIS A 97 -18.71 26.67 0.73
C HIS A 97 -18.89 28.08 1.28
N ARG A 98 -19.27 28.16 2.55
CA ARG A 98 -19.47 29.45 3.22
C ARG A 98 -18.18 30.25 3.26
N ARG A 99 -17.07 29.61 3.67
CA ARG A 99 -15.79 30.31 3.72
C ARG A 99 -15.35 30.77 2.34
N LEU A 100 -15.59 29.94 1.30
CA LEU A 100 -15.16 30.33 -0.04
C LEU A 100 -15.93 31.53 -0.53
N LEU A 101 -17.25 31.56 -0.29
CA LEU A 101 -18.04 32.73 -0.69
C LEU A 101 -17.52 33.97 0.00
N ALA A 102 -17.25 33.88 1.30
CA ALA A 102 -16.78 35.04 2.06
C ALA A 102 -15.41 35.51 1.58
N ALA A 103 -14.58 34.60 1.06
CA ALA A 103 -13.24 34.94 0.64
C ALA A 103 -13.16 35.37 -0.82
N GLY A 104 -14.28 35.47 -1.52
CA GLY A 104 -14.31 35.96 -2.88
C GLY A 104 -14.25 34.94 -3.99
N ALA A 105 -14.37 33.67 -3.67
CA ALA A 105 -14.35 32.64 -4.69
C ALA A 105 -15.67 32.61 -5.45
N GLN A 106 -15.61 32.13 -6.68
CA GLN A 106 -16.80 31.95 -7.51
CA GLN A 106 -16.80 31.96 -7.51
C GLN A 106 -17.24 30.50 -7.44
N ILE A 107 -18.46 30.27 -6.94
CA ILE A 107 -19.06 28.95 -6.91
C ILE A 107 -19.62 28.64 -8.29
N ILE A 108 -19.07 27.61 -8.93
CA ILE A 108 -19.45 27.22 -10.29
CA ILE A 108 -19.47 27.26 -10.29
C ILE A 108 -20.74 26.42 -10.26
N PHE A 109 -20.68 25.23 -9.67
CA PHE A 109 -21.80 24.30 -9.58
C PHE A 109 -22.08 24.00 -8.11
N GLY A 110 -23.36 23.81 -7.78
CA GLY A 110 -23.77 23.40 -6.46
C GLY A 110 -23.72 24.56 -5.48
N PRO A 111 -23.78 24.26 -4.17
CA PRO A 111 -23.92 22.94 -3.54
C PRO A 111 -25.17 22.22 -4.02
N ALA A 112 -25.05 20.92 -4.27
CA ALA A 112 -26.15 20.13 -4.80
C ALA A 112 -25.99 18.69 -4.33
N ARG A 113 -27.12 18.03 -4.13
CA ARG A 113 -27.11 16.61 -3.83
C ARG A 113 -26.55 15.83 -5.02
N ALA A 114 -25.83 14.76 -4.70
CA ALA A 114 -25.30 13.84 -5.68
C ALA A 114 -25.58 12.43 -5.17
N PRO A 115 -25.50 11.43 -6.05
CA PRO A 115 -25.73 10.05 -5.60
C PRO A 115 -24.80 9.60 -4.48
N THR A 116 -23.66 10.27 -4.30
CA THR A 116 -22.71 9.94 -3.25
C THR A 116 -22.91 10.76 -1.97
N GLY A 117 -23.68 11.83 -2.04
CA GLY A 117 -23.78 12.77 -0.92
C GLY A 117 -24.15 14.14 -1.44
N ALA A 118 -23.18 15.07 -1.41
CA ALA A 118 -23.39 16.42 -1.91
C ALA A 118 -22.04 17.01 -2.29
N CYS A 119 -22.05 17.95 -3.24
CA CYS A 119 -20.81 18.52 -3.72
C CYS A 119 -21.04 19.91 -4.29
N PHE A 120 -19.94 20.65 -4.42
CA PHE A 120 -19.89 21.89 -5.20
C PHE A 120 -18.49 22.01 -5.79
N ASN A 121 -18.34 22.85 -6.81
CA ASN A 121 -16.98 23.22 -7.18
C ASN A 121 -16.85 24.72 -7.33
N ALA A 122 -15.59 25.16 -7.27
CA ALA A 122 -15.34 26.57 -7.10
C ALA A 122 -14.07 27.00 -7.82
N LEU A 123 -14.14 28.20 -8.40
CA LEU A 123 -12.99 28.88 -8.98
C LEU A 123 -12.45 29.81 -7.89
N LEU A 124 -11.27 29.49 -7.36
CA LEU A 124 -10.67 30.29 -6.29
C LEU A 124 -10.06 31.55 -6.87
N PRO A 125 -9.88 32.59 -6.05
CA PRO A 125 -9.36 33.85 -6.60
C PRO A 125 -8.05 33.72 -7.38
N ASP A 126 -7.17 32.81 -6.98
CA ASP A 126 -5.90 32.64 -7.67
C ASP A 126 -6.00 31.77 -8.91
N GLY A 127 -7.20 31.31 -9.26
CA GLY A 127 -7.42 30.55 -10.48
C GLY A 127 -7.52 29.04 -10.30
N THR A 128 -7.22 28.53 -9.11
CA THR A 128 -7.37 27.11 -8.84
C THR A 128 -8.84 26.72 -8.89
N VAL A 129 -9.14 25.55 -9.49
CA VAL A 129 -10.51 25.04 -9.58
C VAL A 129 -10.57 23.71 -8.86
N VAL A 130 -11.40 23.64 -7.80
CA VAL A 130 -11.49 22.42 -7.01
CA VAL A 130 -11.48 22.48 -6.91
C VAL A 130 -12.93 22.11 -6.67
N GLU A 131 -13.18 20.82 -6.49
CA GLU A 131 -14.47 20.31 -6.03
C GLU A 131 -14.35 19.93 -4.56
N PHE A 132 -15.40 20.23 -3.79
CA PHE A 132 -15.57 19.72 -2.44
C PHE A 132 -16.77 18.78 -2.44
N VAL A 133 -16.60 17.59 -1.86
CA VAL A 133 -17.68 16.61 -1.79
C VAL A 133 -17.70 16.04 -0.38
N HIS A 134 -18.89 15.70 0.09
CA HIS A 134 -19.02 14.89 1.28
C HIS A 134 -19.91 13.70 0.97
N HIS A 135 -19.68 12.62 1.70
CA HIS A 135 -20.34 11.35 1.45
C HIS A 135 -21.30 11.04 2.58
N ARG A 136 -22.49 10.59 2.21
CA ARG A 136 -23.51 10.16 3.14
C ARG A 136 -24.16 8.91 2.58
N PRO A 137 -24.59 7.99 3.44
CA PRO A 137 -25.18 6.74 2.97
C PRO A 137 -26.44 6.98 2.16
N GLN A 138 -26.59 6.20 1.10
CA GLN A 138 -27.81 6.25 0.31
CA GLN A 138 -27.74 6.12 0.21
C GLN A 138 -28.79 5.19 0.82
N PRO A 139 -30.05 5.30 0.39
CA PRO A 139 -31.04 4.31 0.81
C PRO A 139 -30.60 2.90 0.46
N GLY A 140 -30.69 2.00 1.45
CA GLY A 140 -30.34 0.60 1.27
C GLY A 140 -28.86 0.29 1.43
N GLU A 141 -28.00 1.29 1.37
CA GLU A 141 -26.55 1.09 1.44
C GLU A 141 -26.13 0.75 2.87
N PRO B 6 19.38 29.00 1.39
CA PRO B 6 18.00 28.65 1.02
C PRO B 6 17.17 28.18 2.20
N PHE B 7 16.06 28.87 2.42
CA PHE B 7 15.14 28.51 3.49
C PHE B 7 14.53 27.14 3.23
N LEU B 8 14.57 26.28 4.24
CA LEU B 8 13.84 25.02 4.23
C LEU B 8 13.28 24.81 5.63
N TRP B 9 11.96 24.87 5.76
CA TRP B 9 11.26 24.53 7.00
C TRP B 9 10.16 23.53 6.69
N ARG B 10 10.09 22.46 7.47
CA ARG B 10 8.99 21.51 7.35
C ARG B 10 8.83 20.73 8.64
N ARG B 11 7.58 20.36 8.93
CA ARG B 11 7.27 19.61 10.15
CA ARG B 11 7.30 19.63 10.17
C ARG B 11 7.82 18.19 10.07
N VAL B 12 7.73 17.58 8.90
CA VAL B 12 8.16 16.20 8.65
C VAL B 12 9.21 16.23 7.54
N ASN B 13 10.38 15.66 7.80
CA ASN B 13 11.46 15.72 6.83
C ASN B 13 11.85 14.37 6.24
N ASP B 14 11.10 13.30 6.53
CA ASP B 14 11.42 11.97 6.04
C ASP B 14 10.12 11.23 5.77
N SER B 15 9.88 10.87 4.50
CA SER B 15 8.68 10.13 4.11
C SER B 15 8.89 8.62 4.06
N SER B 16 10.07 8.13 4.47
CA SER B 16 10.43 6.72 4.34
C SER B 16 9.41 5.78 4.97
N GLY B 17 8.75 6.23 6.04
CA GLY B 17 7.80 5.40 6.78
C GLY B 17 6.34 5.60 6.42
N PHE B 18 6.02 6.38 5.39
CA PHE B 18 4.63 6.64 5.04
C PHE B 18 3.94 5.35 4.62
N ALA B 19 2.79 5.06 5.22
CA ALA B 19 2.03 3.88 4.84
C ALA B 19 1.29 4.11 3.53
N GLU B 20 1.05 5.35 3.20
CA GLU B 20 0.42 5.71 1.95
C GLU B 20 0.87 7.10 1.59
N PRO B 21 0.76 7.47 0.34
CA PRO B 21 1.23 8.78 -0.09
C PRO B 21 0.41 9.90 0.51
N ARG B 22 1.06 11.04 0.69
CA ARG B 22 0.37 12.29 0.93
C ARG B 22 0.13 12.92 -0.43
N VAL B 23 -1.10 13.38 -0.65
CA VAL B 23 -1.59 13.82 -1.96
C VAL B 23 -1.75 15.33 -1.93
N PHE B 24 -1.19 16.00 -2.96
CA PHE B 24 -1.29 17.45 -3.08
C PHE B 24 -1.94 17.87 -4.40
N ILE B 25 -2.84 18.83 -4.33
CA ILE B 25 -3.34 19.57 -5.49
C ILE B 25 -2.43 20.76 -5.73
N ARG B 26 -1.92 20.93 -6.95
CA ARG B 26 -1.00 22.02 -7.26
C ARG B 26 -1.73 23.35 -7.40
N VAL B 27 -1.12 24.40 -6.86
CA VAL B 27 -1.57 25.78 -6.95
C VAL B 27 -0.42 26.61 -7.48
N TYR B 28 -0.68 27.45 -8.49
CA TYR B 28 0.36 28.25 -9.14
C TYR B 28 0.12 29.73 -8.86
N LEU B 29 1.21 30.47 -8.55
CA LEU B 29 1.14 31.81 -7.98
C LEU B 29 2.14 32.75 -8.62
N GLU B 30 1.72 34.00 -8.82
CA GLU B 30 2.62 35.01 -9.36
CA GLU B 30 2.60 35.04 -9.34
C GLU B 30 3.58 35.51 -8.29
N PRO B 31 4.73 36.06 -8.71
CA PRO B 31 5.69 36.60 -7.73
C PRO B 31 5.03 37.60 -6.79
N GLY B 32 5.45 37.55 -5.52
CA GLY B 32 4.96 38.42 -4.48
C GLY B 32 3.66 38.04 -3.83
N SER B 33 3.12 36.85 -4.13
CA SER B 33 1.78 36.51 -3.67
C SER B 33 1.72 35.33 -2.69
N ILE B 34 2.85 34.68 -2.39
CA ILE B 34 2.72 33.42 -1.67
C ILE B 34 2.31 33.61 -0.22
N ASP B 35 2.72 34.70 0.44
CA ASP B 35 2.30 34.88 1.84
C ASP B 35 0.79 35.02 1.93
N ALA B 36 0.19 35.79 1.01
CA ALA B 36 -1.27 35.92 1.03
C ALA B 36 -1.95 34.61 0.63
N ALA B 37 -1.30 33.84 -0.25
CA ALA B 37 -1.85 32.56 -0.64
C ALA B 37 -1.84 31.58 0.52
N ILE B 38 -0.71 31.52 1.24
CA ILE B 38 -0.64 30.66 2.42
C ILE B 38 -1.77 31.01 3.37
N ALA B 39 -1.98 32.30 3.61
CA ALA B 39 -3.06 32.70 4.50
C ALA B 39 -4.42 32.24 3.99
N PHE B 40 -4.66 32.40 2.70
CA PHE B 40 -5.92 31.98 2.10
C PHE B 40 -6.17 30.50 2.34
N TYR B 41 -5.17 29.67 2.07
CA TYR B 41 -5.38 28.22 2.16
C TYR B 41 -5.39 27.74 3.61
N GLU B 42 -4.66 28.41 4.49
CA GLU B 42 -4.75 28.13 5.92
C GLU B 42 -6.16 28.38 6.44
N ASP B 43 -6.73 29.53 6.07
CA ASP B 43 -8.03 29.91 6.60
C ASP B 43 -9.15 29.11 5.96
N LEU B 44 -9.02 28.74 4.67
CA LEU B 44 -10.02 27.87 4.05
C LEU B 44 -10.12 26.53 4.77
N GLN B 45 -8.97 25.98 5.14
CA GLN B 45 -8.89 24.63 5.69
C GLN B 45 -8.84 24.57 7.21
N GLY B 46 -8.52 25.66 7.88
CA GLY B 46 -8.32 25.62 9.32
C GLY B 46 -7.11 24.85 9.73
N VAL B 47 -6.05 24.85 8.92
CA VAL B 47 -4.81 24.20 9.22
C VAL B 47 -3.66 25.16 8.94
N ALA B 48 -2.63 25.07 9.77
CA ALA B 48 -1.41 25.83 9.57
C ALA B 48 -0.55 25.17 8.52
N HIS B 49 0.14 25.98 7.72
CA HIS B 49 1.03 25.40 6.72
C HIS B 49 2.19 24.67 7.39
N ASP B 50 2.65 23.61 6.74
CA ASP B 50 3.62 22.69 7.34
C ASP B 50 4.94 22.59 6.60
N MET B 51 5.09 23.26 5.46
CA MET B 51 6.38 23.33 4.78
CA MET B 51 6.37 23.32 4.78
C MET B 51 6.46 24.67 4.08
N ARG B 52 7.66 25.25 4.06
CA ARG B 52 7.96 26.45 3.29
C ARG B 52 9.41 26.33 2.85
N PHE B 53 9.69 26.48 1.56
CA PHE B 53 11.09 26.44 1.17
C PHE B 53 11.32 27.11 -0.17
N ASP B 54 12.54 27.62 -0.33
CA ASP B 54 13.00 28.25 -1.56
C ASP B 54 13.81 27.26 -2.38
N PHE B 55 13.62 27.28 -3.70
CA PHE B 55 14.39 26.48 -4.65
C PHE B 55 15.08 27.47 -5.59
N PRO B 56 16.22 28.02 -5.19
CA PRO B 56 16.82 29.12 -5.99
C PRO B 56 17.27 28.69 -7.37
N GLU B 57 17.76 27.47 -7.53
CA GLU B 57 18.15 27.01 -8.87
C GLU B 57 17.00 27.17 -9.86
N LYS B 58 15.77 26.94 -9.40
CA LYS B 58 14.59 27.02 -10.25
C LYS B 58 13.86 28.35 -10.12
N ARG B 59 14.33 29.23 -9.24
CA ARG B 59 13.68 30.50 -8.95
C ARG B 59 12.22 30.29 -8.53
N LEU B 60 11.99 29.29 -7.66
CA LEU B 60 10.66 29.01 -7.13
C LEU B 60 10.66 29.12 -5.61
N THR B 61 9.49 29.44 -5.05
CA THR B 61 9.21 29.30 -3.63
C THR B 61 7.98 28.41 -3.49
N LEU B 62 8.01 27.49 -2.52
CA LEU B 62 6.93 26.51 -2.38
C LEU B 62 6.43 26.48 -0.94
N ALA B 63 5.17 26.09 -0.79
CA ALA B 63 4.63 25.88 0.54
C ALA B 63 3.58 24.77 0.50
N ALA B 64 3.53 23.98 1.56
CA ALA B 64 2.49 22.97 1.73
C ALA B 64 1.46 23.46 2.73
N VAL B 65 0.18 23.46 2.33
CA VAL B 65 -0.89 23.96 3.18
C VAL B 65 -2.05 22.97 3.07
N GLY B 66 -2.13 22.03 4.00
CA GLY B 66 -3.21 21.06 3.95
C GLY B 66 -3.11 20.25 2.67
N ALA B 67 -4.19 20.29 1.90
CA ALA B 67 -4.33 19.53 0.66
C ALA B 67 -3.58 20.13 -0.51
N PHE B 68 -2.97 21.32 -0.37
CA PHE B 68 -2.44 22.07 -1.50
C PHE B 68 -0.94 22.27 -1.43
N LEU B 69 -0.28 22.17 -2.59
CA LEU B 69 1.13 22.51 -2.75
C LEU B 69 1.20 23.76 -3.63
N LEU B 70 1.69 24.84 -3.04
CA LEU B 70 1.74 26.16 -3.68
C LEU B 70 3.11 26.34 -4.31
N LEU B 71 3.13 26.76 -5.58
CA LEU B 71 4.37 27.09 -6.28
C LEU B 71 4.28 28.54 -6.76
N GLU B 72 5.22 29.36 -6.32
CA GLU B 72 5.29 30.77 -6.71
C GLU B 72 6.52 30.99 -7.57
N GLY B 73 6.33 31.61 -8.73
CA GLY B 73 7.45 31.99 -9.57
C GLY B 73 6.99 32.83 -10.73
N SER B 74 7.96 33.38 -11.45
CA SER B 74 7.70 34.04 -12.71
C SER B 74 7.12 33.05 -13.71
N ASP B 75 6.50 33.59 -14.77
CA ASP B 75 6.00 32.74 -15.84
C ASP B 75 7.11 31.86 -16.40
N GLU B 76 8.30 32.43 -16.60
CA GLU B 76 9.42 31.65 -17.13
C GLU B 76 9.80 30.53 -16.19
N ALA B 77 9.84 30.81 -14.88
CA ALA B 77 10.22 29.80 -13.89
C ALA B 77 9.18 28.68 -13.82
N LEU B 78 7.90 29.02 -13.95
CA LEU B 78 6.85 28.01 -13.78
C LEU B 78 6.58 27.23 -15.06
N ALA B 79 6.93 27.75 -16.23
CA ALA B 79 6.48 27.15 -17.48
C ALA B 79 6.76 25.66 -17.62
N PRO B 80 7.94 25.14 -17.23
CA PRO B 80 8.17 23.70 -17.37
C PRO B 80 7.36 22.85 -16.41
N PHE B 81 6.82 23.43 -15.35
CA PHE B 81 6.21 22.68 -14.26
C PHE B 81 4.71 22.86 -14.17
N ARG B 82 4.15 23.81 -14.94
CA ARG B 82 2.78 24.22 -14.74
CA ARG B 82 2.77 24.23 -14.76
C ARG B 82 1.78 23.16 -15.17
N SER B 83 2.14 22.28 -16.11
CA SER B 83 1.15 21.29 -16.53
C SER B 83 0.90 20.20 -15.49
N THR B 84 1.76 20.09 -14.48
CA THR B 84 1.56 19.11 -13.42
C THR B 84 0.36 19.52 -12.59
N THR B 85 -0.61 18.65 -12.42
CA THR B 85 -1.78 19.04 -11.64
C THR B 85 -1.75 18.53 -10.21
N GLY B 86 -0.92 17.55 -9.90
CA GLY B 86 -0.84 17.01 -8.55
C GLY B 86 0.53 16.47 -8.26
N THR B 87 0.84 16.38 -6.96
CA THR B 87 2.06 15.81 -6.43
C THR B 87 1.71 14.70 -5.45
N LEU B 88 2.38 13.55 -5.58
CA LEU B 88 2.31 12.47 -4.62
C LEU B 88 3.61 12.44 -3.85
N LEU B 89 3.55 12.65 -2.52
CA LEU B 89 4.69 12.52 -1.62
C LEU B 89 4.69 11.09 -1.10
N VAL B 90 5.65 10.30 -1.57
CA VAL B 90 5.67 8.85 -1.35
C VAL B 90 6.88 8.48 -0.51
N ASP B 91 6.92 7.22 -0.08
CA ASP B 91 8.05 6.76 0.72
C ASP B 91 9.33 6.68 -0.10
N ASP B 92 9.23 6.21 -1.34
CA ASP B 92 10.38 6.09 -2.23
C ASP B 92 9.89 6.16 -3.68
N ILE B 93 10.48 7.08 -4.46
CA ILE B 93 10.00 7.28 -5.83
C ILE B 93 10.42 6.18 -6.80
N GLU B 94 11.42 5.34 -6.49
CA GLU B 94 11.98 4.52 -7.56
CA GLU B 94 12.00 4.50 -7.51
C GLU B 94 11.01 3.40 -8.00
N PRO B 95 10.27 2.74 -7.08
CA PRO B 95 9.31 1.73 -7.60
C PRO B 95 8.26 2.32 -8.51
N TYR B 96 7.79 3.54 -8.19
CA TYR B 96 6.82 4.21 -9.05
C TYR B 96 7.43 4.54 -10.40
N HIS B 97 8.67 5.04 -10.42
CA HIS B 97 9.37 5.33 -11.66
C HIS B 97 9.42 4.10 -12.56
N ARG B 98 9.81 2.98 -11.98
CA ARG B 98 9.93 1.73 -12.74
C ARG B 98 8.57 1.30 -13.28
N ARG B 99 7.54 1.31 -12.45
CA ARG B 99 6.22 0.88 -12.90
C ARG B 99 5.69 1.80 -13.99
N LEU B 100 5.94 3.10 -13.87
CA LEU B 100 5.46 4.03 -14.88
C LEU B 100 6.13 3.77 -16.22
N LEU B 101 7.46 3.63 -16.22
CA LEU B 101 8.17 3.29 -17.47
C LEU B 101 7.61 2.00 -18.09
N ALA B 102 7.37 0.97 -17.28
CA ALA B 102 6.87 -0.28 -17.82
C ALA B 102 5.47 -0.17 -18.39
N ALA B 103 4.70 0.81 -17.95
CA ALA B 103 3.38 1.06 -18.47
C ALA B 103 3.36 2.06 -19.61
N GLY B 104 4.52 2.55 -20.05
CA GLY B 104 4.54 3.45 -21.20
C GLY B 104 4.45 4.92 -20.88
N ALA B 105 4.51 5.30 -19.61
CA ALA B 105 4.57 6.72 -19.28
C ALA B 105 5.87 7.34 -19.75
N GLN B 106 5.85 8.66 -19.94
CA GLN B 106 7.05 9.44 -20.25
CA GLN B 106 7.08 9.39 -20.23
C GLN B 106 7.50 10.17 -19.00
N ILE B 107 8.78 10.06 -18.67
CA ILE B 107 9.36 10.75 -17.52
C ILE B 107 9.88 12.07 -18.05
N ILE B 108 9.16 13.17 -17.78
CA ILE B 108 9.43 14.43 -18.45
C ILE B 108 10.35 15.34 -17.66
N PHE B 109 10.63 15.01 -16.40
CA PHE B 109 11.60 15.71 -15.58
C PHE B 109 12.14 14.73 -14.55
N GLY B 110 13.46 14.74 -14.36
CA GLY B 110 14.09 13.91 -13.37
C GLY B 110 14.17 12.44 -13.77
N PRO B 111 14.40 11.56 -12.79
CA PRO B 111 14.58 11.81 -11.35
C PRO B 111 15.71 12.77 -11.06
N ALA B 112 15.50 13.67 -10.11
CA ALA B 112 16.44 14.73 -9.78
C ALA B 112 16.42 14.99 -8.28
N ARG B 113 17.52 15.54 -7.77
CA ARG B 113 17.53 16.04 -6.41
C ARG B 113 16.66 17.28 -6.31
N ALA B 114 16.08 17.47 -5.14
CA ALA B 114 15.39 18.68 -4.74
C ALA B 114 15.85 19.01 -3.34
N PRO B 115 15.64 20.26 -2.88
CA PRO B 115 16.00 20.60 -1.50
C PRO B 115 15.36 19.68 -0.48
N THR B 116 14.27 19.03 -0.84
CA THR B 116 13.48 18.21 0.07
C THR B 116 13.80 16.72 -0.01
N GLY B 117 14.53 16.29 -1.04
CA GLY B 117 14.69 14.87 -1.29
C GLY B 117 14.96 14.59 -2.76
N ALA B 118 14.06 13.86 -3.43
CA ALA B 118 14.22 13.52 -4.82
C ALA B 118 12.85 13.43 -5.48
N CYS B 119 12.79 13.71 -6.78
CA CYS B 119 11.49 13.77 -7.43
C CYS B 119 11.61 13.53 -8.93
N PHE B 120 10.48 13.21 -9.54
CA PHE B 120 10.35 13.20 -10.99
C PHE B 120 8.93 13.59 -11.38
N ASN B 121 8.78 14.06 -12.62
CA ASN B 121 7.48 14.37 -13.19
CA ASN B 121 7.49 14.39 -13.21
C ASN B 121 7.21 13.41 -14.35
N ALA B 122 5.96 12.94 -14.43
CA ALA B 122 5.60 11.97 -15.45
C ALA B 122 4.33 12.34 -16.20
N LEU B 123 4.34 12.09 -17.50
CA LEU B 123 3.16 12.12 -18.36
C LEU B 123 2.62 10.71 -18.44
N LEU B 124 1.48 10.47 -17.83
CA LEU B 124 0.87 9.15 -17.87
C LEU B 124 0.21 8.90 -19.20
N PRO B 125 -0.01 7.62 -19.56
CA PRO B 125 -0.54 7.35 -20.90
C PRO B 125 -1.87 8.01 -21.21
N ASP B 126 -2.70 8.27 -20.19
CA ASP B 126 -3.99 8.91 -20.37
C ASP B 126 -3.92 10.44 -20.39
N GLY B 127 -2.72 11.02 -20.27
CA GLY B 127 -2.54 12.46 -20.36
C GLY B 127 -2.37 13.17 -19.02
N THR B 128 -2.57 12.47 -17.91
CA THR B 128 -2.39 13.06 -16.60
C THR B 128 -0.92 13.34 -16.38
N VAL B 129 -0.60 14.51 -15.80
CA VAL B 129 0.77 14.91 -15.52
C VAL B 129 0.89 15.02 -14.00
N VAL B 130 1.75 14.19 -13.41
CA VAL B 130 1.86 14.02 -11.95
C VAL B 130 3.32 14.03 -11.55
N GLU B 131 3.62 14.67 -10.42
CA GLU B 131 4.94 14.59 -9.79
C GLU B 131 4.92 13.53 -8.70
N PHE B 132 6.02 12.78 -8.60
CA PHE B 132 6.29 11.88 -7.48
C PHE B 132 7.53 12.39 -6.78
N VAL B 133 7.44 12.57 -5.45
CA VAL B 133 8.54 13.10 -4.65
C VAL B 133 8.66 12.25 -3.40
N HIS B 134 9.88 12.06 -2.93
CA HIS B 134 10.10 11.50 -1.60
C HIS B 134 10.98 12.45 -0.80
N HIS B 135 10.78 12.44 0.53
CA HIS B 135 11.44 13.40 1.41
C HIS B 135 12.46 12.66 2.26
N ARG B 136 13.64 13.25 2.37
CA ARG B 136 14.72 12.77 3.22
C ARG B 136 15.31 13.94 3.98
N PRO B 137 15.76 13.72 5.21
CA PRO B 137 16.35 14.81 5.98
C PRO B 137 17.56 15.38 5.26
N GLN B 138 17.64 16.67 5.24
CA GLN B 138 18.81 17.28 4.65
C GLN B 138 19.82 17.58 5.76
N PRO B 139 21.08 17.78 5.40
CA PRO B 139 22.07 18.11 6.44
C PRO B 139 21.67 19.38 7.17
N GLY B 140 21.18 19.24 8.40
CA GLY B 140 20.75 20.38 9.19
C GLY B 140 19.25 20.48 9.37
N GLU B 141 18.64 19.44 9.93
CA GLU B 141 17.20 19.43 10.15
C GLU B 141 16.83 18.67 11.42
N GLN C 5 -19.61 -31.36 9.40
CA GLN C 5 -20.33 -30.13 9.72
C GLN C 5 -19.44 -28.91 9.44
N PRO C 6 -19.87 -28.03 8.52
CA PRO C 6 -19.07 -26.84 8.22
C PRO C 6 -19.11 -25.83 9.36
N PHE C 7 -17.93 -25.39 9.80
CA PHE C 7 -17.80 -24.55 10.99
C PHE C 7 -16.76 -23.49 10.73
N LEU C 8 -17.06 -22.26 11.17
CA LEU C 8 -16.13 -21.15 11.00
C LEU C 8 -16.27 -20.20 12.18
N TRP C 9 -15.16 -20.02 12.89
CA TRP C 9 -15.04 -18.98 13.91
C TRP C 9 -13.78 -18.17 13.63
N ARG C 10 -13.90 -16.84 13.69
CA ARG C 10 -12.73 -16.00 13.52
C ARG C 10 -12.99 -14.65 14.18
N ARG C 11 -11.91 -14.04 14.68
CA ARG C 11 -12.04 -12.75 15.36
CA ARG C 11 -12.08 -12.76 15.36
C ARG C 11 -12.36 -11.64 14.37
N VAL C 12 -11.78 -11.73 13.17
CA VAL C 12 -11.92 -10.72 12.12
C VAL C 12 -12.47 -11.42 10.89
N ASN C 13 -13.59 -10.92 10.36
CA ASN C 13 -14.23 -11.61 9.24
C ASN C 13 -14.20 -10.84 7.94
N ASP C 14 -13.54 -9.69 7.90
CA ASP C 14 -13.51 -8.84 6.70
C ASP C 14 -12.13 -8.22 6.61
N SER C 15 -11.39 -8.54 5.55
CA SER C 15 -10.07 -7.95 5.33
C SER C 15 -10.09 -6.72 4.41
N SER C 16 -11.27 -6.28 3.97
CA SER C 16 -11.40 -5.19 3.01
CA SER C 16 -11.31 -5.23 2.96
C SER C 16 -10.64 -3.93 3.40
N GLY C 17 -10.51 -3.68 4.70
CA GLY C 17 -9.86 -2.47 5.18
C GLY C 17 -8.42 -2.62 5.62
N PHE C 18 -7.78 -3.75 5.36
CA PHE C 18 -6.39 -3.96 5.80
C PHE C 18 -5.43 -3.01 5.11
N ALA C 19 -4.59 -2.32 5.90
CA ALA C 19 -3.60 -1.43 5.30
C ALA C 19 -2.47 -2.21 4.66
N GLU C 20 -2.25 -3.42 5.13
CA GLU C 20 -1.19 -4.26 4.60
C GLU C 20 -1.58 -5.70 4.89
N PRO C 21 -1.02 -6.64 4.13
CA PRO C 21 -1.41 -8.03 4.30
C PRO C 21 -1.01 -8.57 5.66
N ARG C 22 -1.80 -9.52 6.14
CA ARG C 22 -1.38 -10.38 7.23
C ARG C 22 -0.68 -11.59 6.63
N VAL C 23 0.49 -11.93 7.16
CA VAL C 23 1.39 -12.92 6.58
C VAL C 23 1.36 -14.17 7.45
N PHE C 24 1.23 -15.33 6.83
CA PHE C 24 1.23 -16.61 7.52
C PHE C 24 2.26 -17.56 6.96
N ILE C 25 2.96 -18.26 7.86
CA ILE C 25 3.77 -19.43 7.53
C ILE C 25 2.88 -20.66 7.62
N ARG C 26 2.86 -21.47 6.55
CA ARG C 26 2.03 -22.67 6.53
C ARG C 26 2.61 -23.81 7.38
N VAL C 27 1.74 -24.49 8.11
CA VAL C 27 2.07 -25.66 8.91
C VAL C 27 1.14 -26.80 8.49
N TYR C 28 1.69 -27.99 8.21
CA TYR C 28 0.91 -29.14 7.73
C TYR C 28 0.85 -30.24 8.79
N LEU C 29 -0.34 -30.75 9.02
CA LEU C 29 -0.62 -31.62 10.16
C LEU C 29 -1.39 -32.87 9.75
N GLU C 30 -1.07 -33.98 10.43
CA GLU C 30 -1.77 -35.23 10.16
C GLU C 30 -3.13 -35.26 10.85
N PRO C 31 -4.04 -36.12 10.39
CA PRO C 31 -5.34 -36.23 11.07
C PRO C 31 -5.19 -36.54 12.54
N GLY C 32 -6.06 -35.93 13.35
CA GLY C 32 -6.06 -36.14 14.78
C GLY C 32 -5.12 -35.25 15.58
N SER C 33 -4.48 -34.28 14.92
CA SER C 33 -3.43 -33.55 15.61
C SER C 33 -3.68 -32.06 15.78
N ILE C 34 -4.75 -31.48 15.23
CA ILE C 34 -4.81 -30.02 15.18
C ILE C 34 -4.97 -29.41 16.58
N ASP C 35 -5.70 -30.05 17.49
CA ASP C 35 -5.87 -29.41 18.81
C ASP C 35 -4.54 -29.28 19.52
N ALA C 36 -3.73 -30.34 19.53
CA ALA C 36 -2.40 -30.29 20.11
C ALA C 36 -1.50 -29.29 19.39
N ALA C 37 -1.66 -29.15 18.08
CA ALA C 37 -0.82 -28.24 17.32
C ALA C 37 -1.20 -26.79 17.66
N ILE C 38 -2.49 -26.52 17.78
CA ILE C 38 -2.91 -25.19 18.18
C ILE C 38 -2.29 -24.83 19.52
N ALA C 39 -2.34 -25.75 20.49
CA ALA C 39 -1.75 -25.49 21.80
C ALA C 39 -0.25 -25.22 21.68
N PHE C 40 0.45 -26.01 20.88
CA PHE C 40 1.88 -25.81 20.68
C PHE C 40 2.19 -24.41 20.17
N TYR C 41 1.48 -23.96 19.13
CA TYR C 41 1.78 -22.65 18.55
C TYR C 41 1.27 -21.52 19.42
N GLU C 42 0.19 -21.73 20.16
CA GLU C 42 -0.24 -20.74 21.15
C GLU C 42 0.82 -20.52 22.21
N ASP C 43 1.36 -21.63 22.74
CA ASP C 43 2.31 -21.50 23.85
C ASP C 43 3.66 -21.01 23.37
N LEU C 44 4.05 -21.38 22.15
CA LEU C 44 5.30 -20.85 21.60
C LEU C 44 5.25 -19.33 21.51
N GLN C 45 4.13 -18.78 21.09
CA GLN C 45 4.01 -17.37 20.78
C GLN C 45 3.38 -16.54 21.88
N GLY C 46 2.72 -17.16 22.86
CA GLY C 46 1.97 -16.46 23.86
C GLY C 46 0.76 -15.73 23.33
N VAL C 47 0.15 -16.24 22.24
CA VAL C 47 -1.07 -15.64 21.69
C VAL C 47 -2.12 -16.74 21.53
N ALA C 48 -3.37 -16.35 21.69
CA ALA C 48 -4.49 -17.25 21.48
C ALA C 48 -4.82 -17.34 19.99
N HIS C 49 -5.18 -18.53 19.53
CA HIS C 49 -5.57 -18.68 18.12
C HIS C 49 -6.80 -17.83 17.83
N ASP C 50 -6.89 -17.32 16.59
CA ASP C 50 -7.93 -16.36 16.22
C ASP C 50 -8.83 -16.81 15.08
N MET C 51 -8.65 -18.02 14.54
CA MET C 51 -9.56 -18.60 13.57
C MET C 51 -9.52 -20.11 13.71
N ARG C 52 -10.69 -20.74 13.61
CA ARG C 52 -10.83 -22.19 13.53
C ARG C 52 -11.90 -22.47 12.48
N PHE C 53 -11.57 -23.32 11.50
CA PHE C 53 -12.32 -23.41 10.24
C PHE C 53 -12.30 -24.88 9.83
N ASP C 54 -13.47 -25.51 9.80
CA ASP C 54 -13.61 -26.88 9.31
C ASP C 54 -14.23 -26.80 7.92
N PHE C 55 -13.55 -27.38 6.93
CA PHE C 55 -13.90 -27.25 5.51
C PHE C 55 -14.18 -28.64 4.95
N PRO C 56 -15.38 -29.18 5.19
CA PRO C 56 -15.64 -30.59 4.81
C PRO C 56 -15.50 -30.87 3.32
N GLU C 57 -15.88 -29.93 2.45
CA GLU C 57 -15.77 -30.19 1.02
C GLU C 57 -14.33 -30.49 0.60
N LYS C 58 -13.34 -30.01 1.36
CA LYS C 58 -11.94 -30.29 1.08
C LYS C 58 -11.36 -31.31 2.05
N ARG C 59 -12.14 -31.73 3.05
CA ARG C 59 -11.69 -32.68 4.07
C ARG C 59 -10.51 -32.10 4.87
N LEU C 60 -10.59 -30.80 5.17
CA LEU C 60 -9.53 -30.08 5.87
C LEU C 60 -10.08 -29.36 7.09
N THR C 61 -9.23 -29.20 8.10
CA THR C 61 -9.46 -28.32 9.23
C THR C 61 -8.30 -27.33 9.28
N LEU C 62 -8.60 -26.05 9.53
CA LEU C 62 -7.57 -25.01 9.53
C LEU C 62 -7.67 -24.18 10.80
N ALA C 63 -6.54 -23.59 11.20
CA ALA C 63 -6.54 -22.65 12.31
C ALA C 63 -5.46 -21.61 12.09
N ALA C 64 -5.75 -20.38 12.51
CA ALA C 64 -4.77 -19.30 12.51
C ALA C 64 -4.28 -19.11 13.94
N VAL C 65 -2.96 -19.18 14.12
CA VAL C 65 -2.33 -19.05 15.43
C VAL C 65 -1.13 -18.13 15.30
N GLY C 66 -1.34 -16.83 15.55
CA GLY C 66 -0.24 -15.89 15.43
C GLY C 66 0.28 -15.87 14.00
N ALA C 67 1.58 -16.14 13.85
CA ALA C 67 2.28 -16.13 12.57
C ALA C 67 2.02 -17.33 11.70
N PHE C 68 1.27 -18.34 12.17
CA PHE C 68 1.16 -19.62 11.50
C PHE C 68 -0.27 -19.93 11.10
N LEU C 69 -0.41 -20.54 9.91
CA LEU C 69 -1.68 -21.06 9.41
C LEU C 69 -1.54 -22.56 9.36
N LEU C 70 -2.36 -23.25 10.16
CA LEU C 70 -2.30 -24.70 10.31
C LEU C 70 -3.35 -25.35 9.43
N LEU C 71 -2.94 -26.37 8.65
CA LEU C 71 -3.84 -27.17 7.84
C LEU C 71 -3.71 -28.64 8.21
N GLU C 72 -4.83 -29.25 8.57
CA GLU C 72 -4.89 -30.66 8.97
C GLU C 72 -5.72 -31.45 7.97
N GLY C 73 -5.16 -32.56 7.49
CA GLY C 73 -5.90 -33.46 6.61
C GLY C 73 -5.05 -34.65 6.24
N SER C 74 -5.68 -35.59 5.55
CA SER C 74 -4.94 -36.72 5.00
C SER C 74 -3.94 -36.23 3.95
N ASP C 75 -2.96 -37.11 3.64
CA ASP C 75 -2.01 -36.73 2.59
C ASP C 75 -2.73 -36.41 1.28
N GLU C 76 -3.77 -37.19 0.95
CA GLU C 76 -4.49 -36.97 -0.30
C GLU C 76 -5.26 -35.65 -0.27
N ALA C 77 -5.80 -35.29 0.90
CA ALA C 77 -6.54 -34.03 1.02
C ALA C 77 -5.59 -32.82 1.02
N LEU C 78 -4.38 -32.98 1.54
CA LEU C 78 -3.41 -31.90 1.55
C LEU C 78 -2.62 -31.78 0.25
N ALA C 79 -2.63 -32.82 -0.59
CA ALA C 79 -1.69 -32.84 -1.71
C ALA C 79 -1.81 -31.67 -2.65
N PRO C 80 -2.99 -31.17 -2.99
CA PRO C 80 -3.07 -29.99 -3.86
C PRO C 80 -2.47 -28.72 -3.22
N PHE C 81 -2.28 -28.71 -1.91
CA PHE C 81 -1.97 -27.49 -1.17
C PHE C 81 -0.63 -27.52 -0.47
N ARG C 82 -0.01 -28.70 -0.39
CA ARG C 82 1.15 -28.89 0.47
CA ARG C 82 1.16 -28.91 0.45
C ARG C 82 2.35 -28.09 0.02
N SER C 83 2.48 -27.82 -1.30
CA SER C 83 3.68 -27.11 -1.75
C SER C 83 3.64 -25.61 -1.43
N THR C 84 2.49 -25.09 -1.03
CA THR C 84 2.38 -23.69 -0.61
C THR C 84 3.12 -23.50 0.70
N THR C 85 4.05 -22.55 0.74
CA THR C 85 4.77 -22.34 2.00
C THR C 85 4.24 -21.18 2.80
N GLY C 86 3.48 -20.28 2.21
CA GLY C 86 2.94 -19.15 2.94
C GLY C 86 1.63 -18.68 2.35
N THR C 87 0.88 -17.93 3.18
CA THR C 87 -0.39 -17.30 2.80
C THR C 87 -0.32 -15.82 3.12
N LEU C 88 -0.77 -14.98 2.18
CA LEU C 88 -1.00 -13.57 2.41
C LEU C 88 -2.50 -13.33 2.46
N LEU C 89 -2.98 -12.82 3.59
CA LEU C 89 -4.36 -12.41 3.75
C LEU C 89 -4.40 -10.92 3.41
N VAL C 90 -5.02 -10.60 2.27
CA VAL C 90 -4.98 -9.29 1.66
C VAL C 90 -6.37 -8.68 1.65
N ASP C 91 -6.44 -7.39 1.32
CA ASP C 91 -7.74 -6.74 1.28
C ASP C 91 -8.58 -7.22 0.10
N ASP C 92 -7.95 -7.46 -1.06
CA ASP C 92 -8.66 -7.93 -2.24
C ASP C 92 -7.67 -8.69 -3.11
N ILE C 93 -7.98 -9.96 -3.44
CA ILE C 93 -7.04 -10.77 -4.22
C ILE C 93 -6.95 -10.36 -5.70
N GLU C 94 -7.93 -9.64 -6.24
CA GLU C 94 -8.00 -9.49 -7.69
C GLU C 94 -6.83 -8.67 -8.25
N PRO C 95 -6.43 -7.56 -7.64
CA PRO C 95 -5.25 -6.86 -8.20
C PRO C 95 -4.00 -7.71 -8.19
N TYR C 96 -3.79 -8.52 -7.16
CA TYR C 96 -2.61 -9.37 -7.10
C TYR C 96 -2.68 -10.43 -8.20
N HIS C 97 -3.86 -11.01 -8.42
CA HIS C 97 -4.03 -12.00 -9.48
C HIS C 97 -3.64 -11.41 -10.84
N ARG C 98 -4.12 -10.20 -11.12
CA ARG C 98 -3.82 -9.54 -12.39
C ARG C 98 -2.32 -9.28 -12.52
N ARG C 99 -1.70 -8.74 -11.47
CA ARG C 99 -0.28 -8.43 -11.54
C ARG C 99 0.55 -9.70 -11.75
N LEU C 100 0.17 -10.78 -11.07
CA LEU C 100 0.92 -12.03 -11.24
C LEU C 100 0.84 -12.55 -12.67
N LEU C 101 -0.37 -12.56 -13.26
CA LEU C 101 -0.49 -12.98 -14.65
C LEU C 101 0.34 -12.10 -15.57
N ALA C 102 0.30 -10.79 -15.35
CA ALA C 102 1.03 -9.88 -16.22
C ALA C 102 2.54 -10.07 -16.09
N ALA C 103 3.00 -10.55 -14.94
CA ALA C 103 4.42 -10.77 -14.72
C ALA C 103 4.89 -12.15 -15.16
N GLY C 104 3.99 -13.00 -15.61
CA GLY C 104 4.34 -14.33 -16.08
C GLY C 104 4.32 -15.41 -15.02
N ALA C 105 3.82 -15.12 -13.83
CA ALA C 105 3.62 -16.15 -12.84
C ALA C 105 2.44 -17.04 -13.24
N GLN C 106 2.36 -18.21 -12.63
CA GLN C 106 1.32 -19.19 -12.95
C GLN C 106 0.35 -19.27 -11.80
N ILE C 107 -0.94 -19.19 -12.12
CA ILE C 107 -2.01 -19.38 -11.15
C ILE C 107 -2.35 -20.86 -11.15
N ILE C 108 -2.01 -21.56 -10.07
CA ILE C 108 -2.07 -23.02 -10.05
C ILE C 108 -3.25 -23.59 -9.29
N PHE C 109 -4.00 -22.79 -8.56
CA PHE C 109 -5.23 -23.15 -7.90
C PHE C 109 -6.12 -21.90 -7.85
N GLY C 110 -7.42 -22.09 -8.05
CA GLY C 110 -8.35 -20.98 -8.05
C GLY C 110 -8.12 -20.01 -9.19
N PRO C 111 -8.63 -18.76 -9.05
CA PRO C 111 -9.37 -18.23 -7.91
C PRO C 111 -10.64 -19.04 -7.66
N ALA C 112 -10.94 -19.22 -6.38
CA ALA C 112 -12.09 -19.97 -5.93
C ALA C 112 -12.69 -19.28 -4.71
N ARG C 113 -14.02 -19.31 -4.63
CA ARG C 113 -14.69 -18.94 -3.39
C ARG C 113 -14.44 -20.00 -2.33
N ALA C 114 -14.32 -19.56 -1.10
CA ALA C 114 -14.14 -20.39 0.08
C ALA C 114 -15.08 -19.89 1.17
N PRO C 115 -15.34 -20.72 2.19
CA PRO C 115 -16.17 -20.25 3.31
C PRO C 115 -15.69 -18.96 3.93
N THR C 116 -14.39 -18.69 3.89
CA THR C 116 -13.80 -17.48 4.47
C THR C 116 -13.83 -16.26 3.55
N GLY C 117 -14.03 -16.47 2.25
CA GLY C 117 -13.89 -15.39 1.26
C GLY C 117 -13.52 -15.95 -0.10
N ALA C 118 -12.33 -15.61 -0.60
CA ALA C 118 -11.88 -16.10 -1.90
C ALA C 118 -10.36 -16.18 -1.91
N CYS C 119 -9.82 -17.11 -2.72
CA CYS C 119 -8.38 -17.34 -2.68
C CYS C 119 -7.86 -17.90 -4.00
N PHE C 120 -6.56 -17.77 -4.20
CA PHE C 120 -5.86 -18.48 -5.28
C PHE C 120 -4.44 -18.79 -4.83
N ASN C 121 -3.83 -19.80 -5.45
CA ASN C 121 -2.42 -20.10 -5.23
C ASN C 121 -1.63 -19.81 -6.49
N ALA C 122 -0.41 -19.30 -6.31
CA ALA C 122 0.46 -18.93 -7.41
C ALA C 122 1.85 -19.53 -7.29
N LEU C 123 2.39 -19.96 -8.44
CA LEU C 123 3.78 -20.38 -8.60
C LEU C 123 4.56 -19.20 -9.17
N LEU C 124 5.43 -18.61 -8.35
CA LEU C 124 6.17 -17.39 -8.72
C LEU C 124 7.37 -17.75 -9.56
N PRO C 125 7.99 -16.77 -10.23
CA PRO C 125 9.02 -17.11 -11.22
C PRO C 125 10.23 -17.82 -10.64
N ASP C 126 10.47 -17.68 -9.34
CA ASP C 126 11.60 -18.29 -8.64
C ASP C 126 11.25 -19.62 -8.00
N GLY C 127 10.02 -20.10 -8.19
CA GLY C 127 9.59 -21.36 -7.62
C GLY C 127 8.83 -21.25 -6.31
N THR C 128 8.75 -20.07 -5.72
CA THR C 128 7.98 -19.91 -4.50
C THR C 128 6.51 -20.17 -4.80
N VAL C 129 5.82 -20.86 -3.89
CA VAL C 129 4.38 -21.14 -4.02
C VAL C 129 3.67 -20.46 -2.86
N VAL C 130 2.76 -19.52 -3.18
CA VAL C 130 2.11 -18.65 -2.20
C VAL C 130 0.62 -18.60 -2.48
N GLU C 131 -0.17 -18.60 -1.41
CA GLU C 131 -1.60 -18.39 -1.47
C GLU C 131 -1.89 -16.92 -1.19
N PHE C 132 -2.84 -16.35 -1.96
CA PHE C 132 -3.45 -15.06 -1.69
C PHE C 132 -4.91 -15.28 -1.35
N VAL C 133 -5.36 -14.74 -0.22
CA VAL C 133 -6.74 -14.94 0.24
C VAL C 133 -7.25 -13.61 0.73
N HIS C 134 -8.53 -13.34 0.48
CA HIS C 134 -9.20 -12.22 1.14
C HIS C 134 -10.41 -12.75 1.90
N HIS C 135 -10.76 -12.04 2.99
CA HIS C 135 -11.84 -12.47 3.86
C HIS C 135 -13.05 -11.56 3.73
N ARG C 136 -14.23 -12.17 3.67
CA ARG C 136 -15.50 -11.47 3.66
C ARG C 136 -16.46 -12.22 4.55
N PRO C 137 -17.37 -11.52 5.21
CA PRO C 137 -18.28 -12.18 6.16
C PRO C 137 -19.25 -13.14 5.46
N GLN C 138 -19.46 -14.30 6.11
CA GLN C 138 -20.55 -15.19 5.76
C GLN C 138 -21.89 -14.60 6.18
N PRO C 139 -22.98 -15.01 5.54
CA PRO C 139 -24.29 -14.42 5.89
C PRO C 139 -24.61 -14.40 7.37
N GLY C 140 -24.27 -15.45 8.12
CA GLY C 140 -24.58 -15.44 9.55
C GLY C 140 -23.62 -14.66 10.44
N GLU C 141 -22.52 -14.15 9.89
CA GLU C 141 -21.47 -13.58 10.72
C GLU C 141 -21.72 -12.12 11.08
N PRO D 6 30.80 -5.42 5.20
CA PRO D 6 29.79 -5.75 4.19
C PRO D 6 28.67 -4.72 4.12
N PHE D 7 27.95 -4.68 3.00
CA PHE D 7 26.87 -3.71 2.85
C PHE D 7 25.67 -4.10 3.70
N LEU D 8 25.10 -3.11 4.39
CA LEU D 8 23.87 -3.30 5.17
C LEU D 8 23.06 -2.01 5.11
N TRP D 9 21.82 -2.11 4.61
CA TRP D 9 20.89 -1.00 4.66
C TRP D 9 19.55 -1.52 5.17
N ARG D 10 18.93 -0.78 6.08
CA ARG D 10 17.57 -1.10 6.48
C ARG D 10 16.88 0.13 7.05
N ARG D 11 15.56 0.18 6.89
CA ARG D 11 14.81 1.31 7.42
CA ARG D 11 14.79 1.30 7.41
C ARG D 11 14.74 1.28 8.93
N VAL D 12 14.68 0.10 9.52
CA VAL D 12 14.55 -0.08 10.97
C VAL D 12 15.64 -1.03 11.42
N ASN D 13 16.51 -0.59 12.34
CA ASN D 13 17.65 -1.42 12.70
C ASN D 13 17.57 -2.02 14.11
N ASP D 14 16.44 -1.89 14.79
CA ASP D 14 16.30 -2.38 16.17
C ASP D 14 14.89 -2.90 16.33
N SER D 15 14.75 -4.21 16.59
CA SER D 15 13.45 -4.82 16.85
C SER D 15 13.10 -4.91 18.32
N SER D 16 13.92 -4.34 19.22
CA SER D 16 13.73 -4.48 20.65
C SER D 16 12.32 -4.10 21.11
N GLY D 17 11.73 -3.09 20.48
CA GLY D 17 10.44 -2.58 20.88
C GLY D 17 9.26 -3.10 20.10
N PHE D 18 9.44 -4.18 19.30
N PHE D 18 9.45 -4.05 19.22
CA PHE D 18 8.37 -4.80 18.50
CA PHE D 18 8.36 -4.55 18.39
C PHE D 18 7.35 -5.49 19.41
C PHE D 18 7.99 -5.88 19.02
N ALA D 19 6.09 -5.08 19.32
N ALA D 19 6.99 -5.85 19.91
CA ALA D 19 5.05 -5.71 20.13
CA ALA D 19 6.58 -7.07 20.59
C ALA D 19 4.58 -7.03 19.54
C ALA D 19 5.69 -7.95 19.74
N GLU D 20 4.83 -7.26 18.24
N GLU D 20 5.17 -7.46 18.62
CA GLU D 20 4.32 -8.41 17.54
CA GLU D 20 4.49 -8.33 17.67
C GLU D 20 5.40 -8.79 16.54
C GLU D 20 5.49 -8.78 16.61
N PRO D 21 5.66 -10.09 16.36
CA PRO D 21 6.60 -10.49 15.31
C PRO D 21 6.23 -9.99 13.94
N ARG D 22 7.24 -9.70 13.14
CA ARG D 22 7.06 -9.50 11.71
C ARG D 22 7.33 -10.84 11.02
N VAL D 23 6.42 -11.24 10.13
CA VAL D 23 6.42 -12.57 9.55
C VAL D 23 6.90 -12.50 8.11
N PHE D 24 7.86 -13.36 7.77
CA PHE D 24 8.38 -13.44 6.40
C PHE D 24 8.25 -14.83 5.81
N ILE D 25 7.83 -14.87 4.56
CA ILE D 25 7.87 -16.07 3.72
C ILE D 25 9.21 -16.09 3.00
N ARG D 26 9.94 -17.18 3.13
CA ARG D 26 11.26 -17.31 2.50
C ARG D 26 11.16 -17.49 0.99
N VAL D 27 12.04 -16.79 0.27
CA VAL D 27 12.17 -16.87 -1.20
C VAL D 27 13.63 -17.16 -1.53
N TYR D 28 13.89 -18.18 -2.37
CA TYR D 28 15.25 -18.60 -2.70
C TYR D 28 15.57 -18.24 -4.15
N LEU D 29 16.71 -17.59 -4.35
CA LEU D 29 17.07 -16.97 -5.62
C LEU D 29 18.42 -17.45 -6.14
N GLU D 30 18.48 -17.69 -7.45
CA GLU D 30 19.75 -18.04 -8.07
C GLU D 30 20.67 -16.83 -8.16
N PRO D 31 21.97 -17.05 -8.18
CA PRO D 31 22.91 -15.93 -8.29
C PRO D 31 22.63 -15.06 -9.50
N GLY D 32 22.79 -13.74 -9.29
CA GLY D 32 22.60 -12.73 -10.30
C GLY D 32 21.19 -12.19 -10.43
N SER D 33 20.23 -12.69 -9.63
CA SER D 33 18.84 -12.36 -9.86
C SER D 33 18.22 -11.45 -8.80
N ILE D 34 18.95 -11.05 -7.75
CA ILE D 34 18.24 -10.42 -6.63
C ILE D 34 17.67 -9.05 -7.00
N ASP D 35 18.35 -8.26 -7.85
CA ASP D 35 17.77 -6.96 -8.19
C ASP D 35 16.46 -7.13 -8.97
N ALA D 36 16.43 -8.06 -9.92
CA ALA D 36 15.19 -8.30 -10.65
C ALA D 36 14.10 -8.87 -9.74
N ALA D 37 14.50 -9.73 -8.81
CA ALA D 37 13.53 -10.28 -7.89
C ALA D 37 12.97 -9.21 -6.95
N ILE D 38 13.83 -8.34 -6.44
CA ILE D 38 13.32 -7.25 -5.59
C ILE D 38 12.28 -6.44 -6.35
N ALA D 39 12.57 -6.10 -7.61
CA ALA D 39 11.62 -5.33 -8.41
C ALA D 39 10.29 -6.08 -8.54
N PHE D 40 10.36 -7.38 -8.89
CA PHE D 40 9.15 -8.18 -8.98
C PHE D 40 8.32 -8.12 -7.70
N TYR D 41 8.97 -8.34 -6.55
CA TYR D 41 8.22 -8.39 -5.30
C TYR D 41 7.74 -7.01 -4.86
N GLU D 42 8.50 -5.96 -5.17
CA GLU D 42 8.04 -4.59 -4.91
C GLU D 42 6.78 -4.29 -5.70
N ASP D 43 6.78 -4.65 -6.99
CA ASP D 43 5.67 -4.29 -7.86
C ASP D 43 4.46 -5.17 -7.62
N LEU D 44 4.68 -6.45 -7.27
CA LEU D 44 3.57 -7.31 -6.91
C LEU D 44 2.80 -6.74 -5.72
N GLN D 45 3.53 -6.26 -4.72
CA GLN D 45 2.92 -5.84 -3.48
C GLN D 45 2.64 -4.35 -3.37
N GLY D 46 3.25 -3.54 -4.21
CA GLY D 46 3.16 -2.10 -4.03
C GLY D 46 3.88 -1.60 -2.80
N VAL D 47 4.96 -2.29 -2.41
CA VAL D 47 5.71 -1.99 -1.21
CA VAL D 47 5.71 -2.02 -1.19
C VAL D 47 7.20 -1.98 -1.53
N ALA D 48 7.87 -0.90 -1.15
CA ALA D 48 9.31 -0.77 -1.34
C ALA D 48 10.08 -1.66 -0.38
N HIS D 49 11.17 -2.24 -0.86
CA HIS D 49 11.99 -3.07 0.01
C HIS D 49 12.59 -2.24 1.14
N ASP D 50 12.76 -2.86 2.30
CA ASP D 50 13.16 -2.13 3.51
C ASP D 50 14.45 -2.66 4.13
N MET D 51 15.08 -3.67 3.54
CA MET D 51 16.37 -4.15 3.99
C MET D 51 17.08 -4.76 2.80
N ARG D 52 18.38 -4.51 2.70
CA ARG D 52 19.27 -5.16 1.75
C ARG D 52 20.61 -5.37 2.45
N PHE D 53 21.13 -6.59 2.43
CA PHE D 53 22.48 -6.72 2.97
C PHE D 53 23.19 -7.93 2.40
N ASP D 54 24.52 -7.84 2.39
CA ASP D 54 25.41 -8.92 1.98
C ASP D 54 25.93 -9.64 3.22
N PHE D 55 26.10 -10.95 3.10
CA PHE D 55 26.63 -11.80 4.17
C PHE D 55 27.75 -12.61 3.52
N PRO D 56 28.94 -12.02 3.33
CA PRO D 56 29.98 -12.71 2.57
C PRO D 56 30.44 -14.02 3.19
N GLU D 57 30.54 -14.08 4.52
CA GLU D 57 30.92 -15.31 5.19
C GLU D 57 30.09 -16.49 4.71
N LYS D 58 28.83 -16.26 4.35
CA LYS D 58 27.95 -17.32 3.88
C LYS D 58 27.71 -17.25 2.38
N ARG D 59 28.29 -16.28 1.68
CA ARG D 59 28.14 -16.15 0.24
C ARG D 59 26.68 -15.91 -0.13
N LEU D 60 26.00 -15.07 0.66
CA LEU D 60 24.60 -14.79 0.48
C LEU D 60 24.35 -13.28 0.39
N THR D 61 23.27 -12.94 -0.31
CA THR D 61 22.71 -11.60 -0.32
C THR D 61 21.22 -11.71 0.00
N LEU D 62 20.72 -10.82 0.84
CA LEU D 62 19.35 -10.90 1.32
C LEU D 62 18.64 -9.57 1.16
N ALA D 63 17.31 -9.64 1.02
CA ALA D 63 16.50 -8.43 1.01
C ALA D 63 15.14 -8.72 1.60
N ALA D 64 14.59 -7.74 2.31
CA ALA D 64 13.24 -7.83 2.84
C ALA D 64 12.33 -7.00 1.97
N VAL D 65 11.27 -7.64 1.42
CA VAL D 65 10.33 -6.96 0.53
C VAL D 65 8.92 -7.31 0.92
N GLY D 66 8.30 -6.47 1.75
CA GLY D 66 6.95 -6.72 2.20
C GLY D 66 6.92 -8.00 3.00
N ALA D 67 6.09 -8.93 2.54
CA ALA D 67 5.86 -10.21 3.19
C ALA D 67 6.99 -11.21 2.96
N PHE D 68 7.99 -10.89 2.14
CA PHE D 68 8.97 -11.87 1.68
C PHE D 68 10.37 -11.53 2.11
N LEU D 69 11.12 -12.56 2.47
CA LEU D 69 12.55 -12.47 2.74
C LEU D 69 13.27 -13.25 1.66
N LEU D 70 14.05 -12.52 0.85
CA LEU D 70 14.74 -13.06 -0.32
C LEU D 70 16.17 -13.43 0.05
N LEU D 71 16.59 -14.65 -0.30
CA LEU D 71 17.95 -15.13 -0.09
C LEU D 71 18.52 -15.55 -1.45
N GLU D 72 19.60 -14.90 -1.86
CA GLU D 72 20.28 -15.17 -3.13
C GLU D 72 21.62 -15.84 -2.85
N GLY D 73 21.87 -16.95 -3.53
CA GLY D 73 23.15 -17.61 -3.40
C GLY D 73 23.18 -18.86 -4.27
N SER D 74 24.37 -19.45 -4.39
CA SER D 74 24.48 -20.71 -5.10
C SER D 74 23.73 -21.80 -4.34
N ASP D 75 23.47 -22.92 -5.02
CA ASP D 75 22.79 -24.02 -4.36
C ASP D 75 23.58 -24.50 -3.16
N GLU D 76 24.91 -24.55 -3.28
CA GLU D 76 25.75 -24.95 -2.15
C GLU D 76 25.64 -23.96 -1.00
N ALA D 77 25.62 -22.66 -1.31
CA ALA D 77 25.51 -21.66 -0.25
C ALA D 77 24.15 -21.70 0.42
N LEU D 78 23.09 -21.98 -0.34
CA LEU D 78 21.75 -22.01 0.24
C LEU D 78 21.42 -23.31 0.93
N ALA D 79 22.15 -24.39 0.61
CA ALA D 79 21.77 -25.72 1.06
C ALA D 79 21.51 -25.83 2.54
N PRO D 80 22.29 -25.21 3.43
CA PRO D 80 22.01 -25.35 4.88
C PRO D 80 20.73 -24.66 5.33
N PHE D 81 20.27 -23.67 4.59
CA PHE D 81 19.15 -22.83 5.01
C PHE D 81 17.88 -23.08 4.21
N ARG D 82 17.96 -23.90 3.18
CA ARG D 82 16.91 -24.01 2.18
CA ARG D 82 16.91 -24.01 2.17
C ARG D 82 15.64 -24.64 2.74
N SER D 83 15.75 -25.52 3.72
CA SER D 83 14.53 -26.15 4.25
C SER D 83 13.70 -25.21 5.11
N THR D 84 14.24 -24.06 5.49
CA THR D 84 13.51 -23.08 6.28
C THR D 84 12.47 -22.43 5.40
N THR D 85 11.20 -22.47 5.81
CA THR D 85 10.16 -21.88 4.97
C THR D 85 9.72 -20.49 5.40
N GLY D 86 10.00 -20.08 6.63
CA GLY D 86 9.64 -18.76 7.10
C GLY D 86 10.59 -18.27 8.14
N THR D 87 10.59 -16.95 8.31
CA THR D 87 11.37 -16.26 9.34
C THR D 87 10.45 -15.36 10.14
N LEU D 88 10.62 -15.38 11.46
CA LEU D 88 9.94 -14.45 12.35
C LEU D 88 10.99 -13.48 12.89
N LEU D 89 10.75 -12.19 12.64
CA LEU D 89 11.57 -11.11 13.18
C LEU D 89 10.90 -10.64 14.48
N VAL D 90 11.58 -10.89 15.60
CA VAL D 90 11.00 -10.71 16.92
C VAL D 90 11.83 -9.72 17.72
N ASP D 91 11.29 -9.32 18.89
CA ASP D 91 12.03 -8.40 19.75
C ASP D 91 13.26 -9.04 20.37
N ASP D 92 13.18 -10.33 20.77
CA ASP D 92 14.30 -11.05 21.40
C ASP D 92 14.13 -12.54 21.12
N ILE D 93 15.15 -13.14 20.49
CA ILE D 93 15.03 -14.54 20.13
C ILE D 93 15.13 -15.47 21.32
N GLU D 94 15.74 -15.05 22.44
CA GLU D 94 16.09 -16.03 23.47
C GLU D 94 14.86 -16.68 24.10
N PRO D 95 13.76 -15.99 24.41
CA PRO D 95 12.60 -16.70 24.97
C PRO D 95 12.04 -17.74 24.02
N TYR D 96 12.05 -17.45 22.71
CA TYR D 96 11.58 -18.44 21.75
C TYR D 96 12.51 -19.63 21.67
N HIS D 97 13.82 -19.39 21.70
CA HIS D 97 14.78 -20.49 21.74
C HIS D 97 14.55 -21.38 22.94
N ARG D 98 14.44 -20.77 24.11
CA ARG D 98 14.24 -21.52 25.34
C ARG D 98 12.96 -22.34 25.28
N ARG D 99 11.86 -21.70 24.84
CA ARG D 99 10.58 -22.42 24.78
C ARG D 99 10.64 -23.57 23.79
N LEU D 100 11.30 -23.37 22.65
CA LEU D 100 11.33 -24.45 21.68
C LEU D 100 12.14 -25.63 22.20
N LEU D 101 13.26 -25.37 22.88
CA LEU D 101 14.01 -26.48 23.46
C LEU D 101 13.14 -27.25 24.45
N ALA D 102 12.40 -26.54 25.30
CA ALA D 102 11.56 -27.18 26.30
C ALA D 102 10.40 -27.96 25.67
N ALA D 103 9.97 -27.56 24.48
CA ALA D 103 8.87 -28.22 23.78
C ALA D 103 9.32 -29.34 22.86
N GLY D 104 10.62 -29.63 22.80
CA GLY D 104 11.10 -30.75 22.05
C GLY D 104 11.56 -30.47 20.64
N ALA D 105 11.67 -29.21 20.25
CA ALA D 105 12.19 -28.88 18.94
C ALA D 105 13.70 -29.10 18.89
N GLN D 106 14.20 -29.32 17.68
CA GLN D 106 15.63 -29.41 17.42
CA GLN D 106 15.63 -29.41 17.42
C GLN D 106 16.13 -28.07 16.91
N ILE D 107 17.13 -27.53 17.58
CA ILE D 107 17.77 -26.29 17.16
C ILE D 107 18.86 -26.68 16.17
N ILE D 108 18.68 -26.26 14.92
CA ILE D 108 19.62 -26.62 13.86
CA ILE D 108 19.63 -26.64 13.87
C ILE D 108 20.85 -25.73 13.90
N PHE D 109 20.63 -24.44 13.72
CA PHE D 109 21.65 -23.42 13.57
C PHE D 109 21.45 -22.38 14.66
N GLY D 110 22.56 -21.94 15.26
CA GLY D 110 22.54 -20.91 16.27
C GLY D 110 22.05 -21.37 17.63
N PRO D 111 21.69 -20.41 18.50
CA PRO D 111 21.73 -18.95 18.31
C PRO D 111 23.13 -18.44 17.98
N ALA D 112 23.21 -17.50 17.04
CA ALA D 112 24.48 -16.98 16.54
C ALA D 112 24.27 -15.55 16.10
N ARG D 113 25.36 -14.79 16.08
CA ARG D 113 25.32 -13.42 15.58
C ARG D 113 25.19 -13.43 14.06
N ALA D 114 24.48 -12.45 13.55
CA ALA D 114 24.34 -12.21 12.11
C ALA D 114 24.62 -10.74 11.86
N PRO D 115 24.82 -10.37 10.59
CA PRO D 115 25.07 -8.95 10.27
C PRO D 115 23.97 -8.03 10.76
N THR D 116 22.78 -8.56 11.03
CA THR D 116 21.62 -7.79 11.42
C THR D 116 21.30 -7.86 12.91
N GLY D 117 21.93 -8.77 13.65
CA GLY D 117 21.56 -9.01 15.04
C GLY D 117 21.89 -10.43 15.42
N ALA D 118 20.88 -11.25 15.69
CA ALA D 118 21.11 -12.63 16.10
C ALA D 118 19.95 -13.49 15.65
N CYS D 119 20.23 -14.78 15.41
CA CYS D 119 19.20 -15.65 14.88
C CYS D 119 19.45 -17.11 15.25
N PHE D 120 18.40 -17.92 15.14
CA PHE D 120 18.55 -19.37 15.17
C PHE D 120 17.47 -19.97 14.27
N ASN D 121 17.67 -21.23 13.88
CA ASN D 121 16.56 -21.90 13.23
CA ASN D 121 16.75 -22.02 13.06
C ASN D 121 16.35 -23.27 13.85
N ALA D 122 15.09 -23.70 13.71
CA ALA D 122 14.60 -24.85 14.44
C ALA D 122 13.72 -25.72 13.58
N LEU D 123 13.87 -27.03 13.78
CA LEU D 123 13.00 -28.06 13.24
C LEU D 123 11.99 -28.39 14.34
N LEU D 124 10.74 -28.04 14.13
CA LEU D 124 9.69 -28.25 15.14
C LEU D 124 9.21 -29.69 15.07
N PRO D 125 8.57 -30.18 16.14
CA PRO D 125 8.15 -31.59 16.14
C PRO D 125 7.26 -31.98 14.98
N ASP D 126 6.41 -31.08 14.49
CA ASP D 126 5.53 -31.44 13.38
C ASP D 126 6.23 -31.35 12.01
N GLY D 127 7.51 -30.99 11.95
CA GLY D 127 8.24 -30.93 10.71
C GLY D 127 8.44 -29.53 10.15
N THR D 128 7.78 -28.52 10.73
CA THR D 128 7.97 -27.15 10.28
C THR D 128 9.39 -26.69 10.60
N VAL D 129 10.01 -25.95 9.67
CA VAL D 129 11.36 -25.40 9.85
C VAL D 129 11.26 -23.88 9.75
N VAL D 130 11.62 -23.19 10.83
CA VAL D 130 11.47 -21.75 10.90
CA VAL D 130 11.44 -21.75 10.96
C VAL D 130 12.70 -21.13 11.54
N GLU D 131 12.98 -19.90 11.13
CA GLU D 131 14.05 -19.07 11.69
C GLU D 131 13.43 -18.00 12.58
N PHE D 132 14.08 -17.75 13.71
CA PHE D 132 13.80 -16.58 14.55
C PHE D 132 15.02 -15.66 14.51
N VAL D 133 14.78 -14.37 14.28
CA VAL D 133 15.83 -13.37 14.21
C VAL D 133 15.39 -12.16 15.03
N HIS D 134 16.35 -11.52 15.68
CA HIS D 134 16.11 -10.18 16.22
C HIS D 134 17.17 -9.22 15.68
N HIS D 135 16.79 -7.94 15.59
CA HIS D 135 17.63 -6.93 14.97
C HIS D 135 18.16 -5.97 16.03
N ARG D 136 19.45 -5.66 15.92
CA ARG D 136 20.07 -4.64 16.75
C ARG D 136 20.98 -3.80 15.89
N PRO D 137 21.17 -2.52 16.25
CA PRO D 137 22.05 -1.65 15.49
C PRO D 137 23.46 -2.20 15.41
N GLN D 138 24.06 -2.06 14.24
CA GLN D 138 25.43 -2.46 14.02
C GLN D 138 26.32 -1.24 13.92
N PRO D 139 27.62 -1.39 14.20
CA PRO D 139 28.54 -0.25 14.07
C PRO D 139 28.41 0.40 12.70
N GLY D 140 28.26 1.72 12.70
CA GLY D 140 28.15 2.46 11.45
C GLY D 140 26.83 2.22 10.75
N GLU D 141 25.73 2.57 11.43
CA GLU D 141 24.41 2.51 10.83
C GLU D 141 23.70 3.84 11.02
C3' NHE E . -21.14 14.44 -10.37
C2' NHE E . -20.43 14.44 -9.00
C1' NHE E . -19.01 14.01 -9.16
C6' NHE E . -18.27 14.96 -10.10
N NHE E . -18.27 14.30 -7.91
C1 NHE E . -16.98 13.59 -7.82
C2 NHE E . -16.72 13.03 -6.42
S NHE E . -17.83 11.75 -5.97
O1 NHE E . -17.72 10.73 -6.97
O2 NHE E . -19.13 12.36 -5.88
O3 NHE E . -17.38 11.28 -4.64
C5' NHE E . -18.95 14.99 -11.48
C4' NHE E . -20.43 15.35 -11.35
H3'1 NHE E . -21.12 13.52 -10.72
H3'2 NHE E . -22.06 14.72 -10.25
H2'1 NHE E . -20.89 13.85 -8.40
H2'2 NHE E . -20.45 15.35 -8.64
HC'1 NHE E . -19.02 13.08 -9.44
H6'1 NHE E . -18.28 15.85 -9.73
H6'2 NHE E . -17.36 14.65 -10.21
HN NHE E . -18.57 14.85 -7.28
HC11 NHE E . -16.27 14.22 -8.03
HC12 NHE E . -16.98 12.87 -8.44
HC21 NHE E . -15.81 12.69 -6.40
HC22 NHE E . -16.80 13.76 -5.78
H5'1 NHE E . -18.51 15.65 -12.03
H5'2 NHE E . -18.87 14.12 -11.89
H4'1 NHE E . -20.86 15.26 -12.22
H4'2 NHE E . -20.52 16.26 -11.04
C3' NHE F . 8.72 21.84 -9.17
C2' NHE F . 8.37 21.25 -7.80
C1' NHE F . 9.16 20.02 -7.56
C6' NHE F . 10.64 20.38 -7.37
N NHE F . 9.02 19.52 -6.17
C1 NHE F . 7.74 19.85 -5.50
C2 NHE F . 7.47 18.90 -4.34
S NHE F . 8.42 19.24 -2.90
O1 NHE F . 8.03 20.61 -2.50
O2 NHE F . 8.06 18.26 -1.89
O3 NHE F . 9.81 19.19 -3.28
C5' NHE F . 11.06 21.47 -8.35
C4' NHE F . 10.14 21.52 -9.58
H3'1 NHE F . 8.61 22.82 -9.13
H3'2 NHE F . 8.11 21.48 -9.83
H2'1 NHE F . 8.57 21.91 -7.11
H2'2 NHE F . 7.43 21.04 -7.78
HC'1 NHE F . 8.90 19.43 -8.28
H6'1 NHE F . 10.77 20.69 -6.47
H6'2 NHE F . 11.18 19.59 -7.52
HN NHE F . 9.65 19.04 -5.77
HC11 NHE F . 7.78 20.76 -5.17
HC12 NHE F . 7.02 19.77 -6.14
HC21 NHE F . 6.53 18.95 -4.11
HC22 NHE F . 7.68 17.99 -4.64
H5'1 NHE F . 11.04 22.33 -7.90
H5'2 NHE F . 11.97 21.29 -8.64
H4'1 NHE F . 10.16 20.65 -10.02
H4'2 NHE F . 10.46 22.20 -10.19
C3' NHE G . -9.11 -24.03 0.83
C2' NHE G . -8.74 -22.58 1.15
C1' NHE G . -7.75 -22.54 2.29
C6' NHE G . -6.49 -23.27 1.87
N NHE G . -7.27 -21.14 2.37
C1 NHE G . -6.41 -20.87 3.53
C2 NHE G . -6.63 -19.47 4.07
S NHE G . -8.18 -19.25 4.86
O1 NHE G . -9.18 -19.52 3.86
O2 NHE G . -8.22 -20.28 5.93
O3 NHE G . -8.18 -17.92 5.42
C5' NHE G . -6.80 -24.73 1.56
C4' NHE G . -7.87 -24.84 0.47
H3'1 NHE G . -9.54 -24.43 1.60
H3'2 NHE G . -9.72 -24.04 0.07
H2'1 NHE G . -9.54 -22.09 1.41
H2'2 NHE G . -8.34 -22.16 0.37
HC'1 NHE G . -8.15 -22.90 3.09
H6'1 NHE G . -5.85 -23.23 2.61
H6'2 NHE G . -6.11 -22.85 1.09
HN NHE G . -7.50 -20.50 1.78
HC11 NHE G . -5.48 -20.97 3.25
HC12 NHE G . -6.61 -21.51 4.22
HC21 NHE G . -6.56 -18.85 3.34
HC22 NHE G . -5.92 -19.28 4.72
H5'1 NHE G . -7.11 -25.17 2.37
H5'2 NHE G . -5.99 -25.17 1.25
H4'1 NHE G . -7.51 -24.52 -0.37
H4'2 NHE G . -8.12 -25.78 0.38
C3' NHE H . 22.25 -16.27 7.83
C2' NHE H . 21.21 -15.46 8.60
C1' NHE H . 20.04 -15.13 7.72
C6' NHE H . 19.39 -16.42 7.24
N NHE H . 18.94 -14.66 8.58
C1 NHE H . 17.80 -14.08 7.84
C2 NHE H . 17.07 -13.00 8.63
S NHE H . 17.88 -11.44 8.58
O1 NHE H . 18.03 -11.09 7.18
O2 NHE H . 16.99 -10.48 9.27
O3 NHE H . 19.15 -11.60 9.27
C5' NHE H . 20.38 -17.27 6.45
C4' NHE H . 21.64 -17.56 7.27
H3'1 NHE H . 22.98 -16.50 8.42
H3'2 NHE H . 22.58 -15.74 7.09
H2'1 NHE H . 20.90 -15.97 9.36
H2'2 NHE H . 21.61 -14.63 8.91
HC'1 NHE H . 20.36 -14.55 7.01
H6'1 NHE H . 19.08 -16.92 8.02
H6'2 NHE H . 18.63 -16.21 6.68
HN NHE H . 18.96 -14.71 9.46
HC11 NHE H . 17.17 -14.79 7.65
HC12 NHE H . 18.12 -13.70 7.01
HC21 NHE H . 17.01 -13.28 9.56
HC22 NHE H . 16.18 -12.89 8.27
H5'1 NHE H . 19.95 -18.11 6.21
H5'2 NHE H . 20.63 -16.80 5.64
H4'1 NHE H . 22.30 -18.00 6.71
H4'2 NHE H . 21.41 -18.14 8.01
#